data_3Q2Z
#
_entry.id   3Q2Z
#
_cell.length_a   88.604
_cell.length_b   60.571
_cell.length_c   87.028
_cell.angle_alpha   90.00
_cell.angle_beta   117.59
_cell.angle_gamma   90.00
#
_symmetry.space_group_name_H-M   'C 1 2 1'
#
loop_
_entity.id
_entity.type
_entity.pdbx_description
1 polymer 'Squalene synthase'
2 non-polymer 'PHOSPHATE ION'
3 non-polymer 'N-{[(3R,5S)-7-chloro-5-(2,3-dimethoxyphenyl)-1-(2,2-dimethylpropyl)-2-oxo-1,2,3,5-tetrahydro-4,1-benzoxazepin-3-yl]acetyl}-L-aspartic acid'
4 water water
#
_entity_poly.entity_id   1
_entity_poly.type   'polypeptide(L)'
_entity_poly.pdbx_seq_one_letter_code
;MDQDSLSSSLKTCYKYLNQTSRSFAAVIQALDGEMRNAVCIFYLVLRALDTLEDDMTISVEKKVPLLHNFHSFLYQPDWR
FMESKEKDRQVLEDFPTISLEFRNLAEKYQTVIADICRRMGIGMAEFLDKHVTSEQEWDKYCHYVAGLVGIGLSRLFSAS
EFEDPLVGEDTERANSMGLFLQKTNIIRDYLEDQQGGREFWPQEVWSRYVKKLGDFAKPENIDLAVQCLNELITNALHHI
PDVITYLSRLRNQSVFNFCAIPQVMAIATLAACYNNQQVFKGAVKIRKGQAVTLMMDATNMPAVKAIIYQYMEEIYHRIP
DSDPSSSKTRQIISTIRTQN
;
_entity_poly.pdbx_strand_id   A
#
# COMPACT_ATOMS: atom_id res chain seq x y z
N LEU A 6 -11.43 -28.88 -1.33
CA LEU A 6 -10.94 -27.96 -0.23
C LEU A 6 -12.10 -27.35 0.58
N SER A 7 -11.80 -27.03 1.84
CA SER A 7 -12.83 -26.81 2.88
C SER A 7 -13.87 -25.75 2.58
N SER A 8 -15.03 -25.89 3.22
CA SER A 8 -16.03 -24.85 3.09
C SER A 8 -15.43 -23.56 3.60
N SER A 9 -14.69 -23.68 4.71
CA SER A 9 -13.90 -22.60 5.32
C SER A 9 -13.03 -21.90 4.29
N LEU A 10 -12.20 -22.65 3.58
CA LEU A 10 -11.30 -22.02 2.65
C LEU A 10 -12.09 -21.45 1.47
N LYS A 11 -13.20 -22.13 1.11
CA LYS A 11 -14.02 -21.63 0.03
C LYS A 11 -14.60 -20.26 0.37
N THR A 12 -14.95 -20.05 1.62
CA THR A 12 -15.50 -18.78 2.05
C THR A 12 -14.42 -17.66 2.12
N CYS A 13 -13.18 -18.06 2.44
CA CYS A 13 -12.07 -17.07 2.44
C CYS A 13 -11.90 -16.51 1.04
N TYR A 14 -11.84 -17.41 0.07
CA TYR A 14 -11.74 -16.92 -1.28
C TYR A 14 -12.96 -16.13 -1.76
N LYS A 15 -14.11 -16.40 -1.18
CA LYS A 15 -15.27 -15.61 -1.58
C LYS A 15 -15.03 -14.18 -1.04
N TYR A 16 -14.65 -14.09 0.22
CA TYR A 16 -14.28 -12.80 0.80
C TYR A 16 -13.15 -12.15 0.01
N LEU A 17 -12.20 -12.92 -0.46
CA LEU A 17 -11.11 -12.30 -1.19
C LEU A 17 -11.67 -11.56 -2.42
N ASN A 18 -12.41 -12.27 -3.26
CA ASN A 18 -12.95 -11.69 -4.49
C ASN A 18 -13.95 -10.56 -4.24
N GLN A 19 -14.68 -10.61 -3.13
CA GLN A 19 -15.53 -9.49 -2.69
C GLN A 19 -14.78 -8.22 -2.30
N THR A 20 -13.68 -8.36 -1.58
CA THR A 20 -12.92 -7.18 -1.17
C THR A 20 -11.92 -6.85 -2.24
N SER A 21 -11.15 -7.84 -2.70
CA SER A 21 -9.88 -7.55 -3.42
C SER A 21 -10.02 -7.13 -4.88
N ARG A 22 -11.21 -7.32 -5.45
CA ARG A 22 -11.48 -6.87 -6.81
C ARG A 22 -10.61 -7.51 -7.91
N SER A 23 -9.81 -6.71 -8.60
CA SER A 23 -8.97 -7.20 -9.72
C SER A 23 -7.77 -7.95 -9.20
N PHE A 24 -7.49 -7.73 -7.91
CA PHE A 24 -6.25 -8.21 -7.36
C PHE A 24 -6.37 -9.66 -6.94
N ALA A 25 -7.59 -10.09 -6.61
CA ALA A 25 -7.86 -11.48 -6.25
C ALA A 25 -7.30 -12.46 -7.26
N ALA A 26 -7.31 -12.09 -8.53
CA ALA A 26 -6.91 -12.99 -9.60
C ALA A 26 -5.41 -13.25 -9.53
N VAL A 27 -4.69 -12.18 -9.23
CA VAL A 27 -3.24 -12.26 -9.14
C VAL A 27 -2.86 -13.20 -8.00
N ILE A 28 -3.59 -13.10 -6.89
CA ILE A 28 -3.32 -13.91 -5.71
C ILE A 28 -3.66 -15.37 -5.97
N GLN A 29 -4.76 -15.64 -6.67
CA GLN A 29 -5.16 -17.03 -6.91
C GLN A 29 -4.20 -17.71 -7.89
N ALA A 30 -3.39 -16.89 -8.56
CA ALA A 30 -2.40 -17.38 -9.51
C ALA A 30 -1.06 -17.78 -8.87
N LEU A 31 -0.86 -17.46 -7.61
CA LEU A 31 0.38 -17.82 -6.91
C LEU A 31 0.58 -19.34 -6.77
N ASP A 32 1.82 -19.80 -6.89
CA ASP A 32 2.12 -21.21 -6.83
C ASP A 32 1.89 -21.76 -5.44
N GLY A 33 1.46 -23.02 -5.39
CA GLY A 33 1.64 -23.87 -4.22
C GLY A 33 1.06 -23.37 -2.91
N GLU A 34 1.85 -23.55 -1.87
CA GLU A 34 1.49 -23.13 -0.53
C GLU A 34 1.34 -21.61 -0.39
N MET A 35 1.80 -20.85 -1.38
CA MET A 35 1.80 -19.40 -1.29
C MET A 35 0.42 -18.86 -1.42
N ARG A 36 -0.38 -19.51 -2.25
CA ARG A 36 -1.66 -18.98 -2.56
C ARG A 36 -2.50 -18.76 -1.30
N ASN A 37 -2.70 -19.82 -0.51
CA ASN A 37 -3.50 -19.78 0.72
C ASN A 37 -2.93 -18.85 1.78
N ALA A 38 -1.60 -18.86 1.91
CA ALA A 38 -0.93 -18.02 2.90
C ALA A 38 -1.14 -16.52 2.61
N VAL A 39 -1.13 -16.14 1.34
CA VAL A 39 -1.27 -14.72 1.02
C VAL A 39 -2.72 -14.35 1.07
N CYS A 40 -3.57 -15.29 0.65
CA CYS A 40 -5.01 -15.03 0.73
C CYS A 40 -5.47 -14.74 2.16
N ILE A 41 -5.06 -15.59 3.10
CA ILE A 41 -5.41 -15.39 4.52
C ILE A 41 -4.77 -14.09 5.06
N PHE A 42 -3.53 -13.83 4.66
CA PHE A 42 -2.84 -12.60 5.11
C PHE A 42 -3.56 -11.36 4.63
N TYR A 43 -4.00 -11.37 3.39
CA TYR A 43 -4.73 -10.29 2.81
C TYR A 43 -5.98 -10.03 3.66
N LEU A 44 -6.73 -11.08 4.01
CA LEU A 44 -8.01 -10.91 4.76
C LEU A 44 -7.77 -10.46 6.17
N VAL A 45 -6.72 -10.96 6.79
CA VAL A 45 -6.37 -10.54 8.15
C VAL A 45 -5.99 -9.07 8.15
N LEU A 46 -5.28 -8.62 7.14
CA LEU A 46 -4.85 -7.20 7.12
C LEU A 46 -6.09 -6.37 6.87
N ARG A 47 -6.99 -6.89 6.04
CA ARG A 47 -8.29 -6.24 5.80
C ARG A 47 -9.10 -5.98 7.05
N ALA A 48 -9.20 -6.99 7.91
CA ALA A 48 -9.77 -6.86 9.24
C ALA A 48 -9.06 -5.80 10.11
N LEU A 49 -7.73 -5.83 10.16
CA LEU A 49 -7.04 -4.83 10.94
C LEU A 49 -7.30 -3.42 10.42
N ASP A 50 -7.21 -3.21 9.11
CA ASP A 50 -7.42 -1.86 8.54
C ASP A 50 -8.81 -1.36 8.87
N THR A 51 -9.76 -2.27 8.78
CA THR A 51 -11.16 -1.94 9.01
C THR A 51 -11.38 -1.47 10.42
N LEU A 52 -10.78 -2.14 11.39
CA LEU A 52 -10.81 -1.63 12.74
C LEU A 52 -10.13 -0.27 12.83
N GLU A 53 -9.04 -0.06 12.10
CA GLU A 53 -8.32 1.22 12.27
C GLU A 53 -9.18 2.30 11.69
N ASP A 54 -9.76 2.04 10.53
CA ASP A 54 -10.48 3.08 9.86
C ASP A 54 -11.82 3.46 10.50
N ASP A 55 -12.41 2.56 11.25
CA ASP A 55 -13.76 2.78 11.66
C ASP A 55 -13.82 3.95 12.64
N MET A 56 -14.34 5.07 12.18
CA MET A 56 -14.38 6.24 13.06
C MET A 56 -15.41 6.12 14.19
N THR A 57 -16.31 5.16 14.08
CA THR A 57 -17.38 5.01 15.06
C THR A 57 -16.99 4.08 16.20
N ILE A 58 -15.71 3.82 16.38
CA ILE A 58 -15.26 3.03 17.50
C ILE A 58 -14.35 3.94 18.28
N SER A 59 -14.49 4.00 19.59
CA SER A 59 -13.79 5.01 20.37
C SER A 59 -12.33 4.61 20.55
N VAL A 60 -11.51 5.63 20.72
CA VAL A 60 -10.08 5.41 20.86
C VAL A 60 -9.88 4.43 21.98
N GLU A 61 -10.65 4.62 23.06
CA GLU A 61 -10.52 3.86 24.30
C GLU A 61 -10.70 2.38 24.04
N LYS A 62 -11.57 2.03 23.14
CA LYS A 62 -11.75 0.64 22.75
C LYS A 62 -10.78 0.25 21.65
N LYS A 63 -10.55 1.16 20.73
CA LYS A 63 -9.80 0.84 19.54
C LYS A 63 -8.38 0.42 19.91
N VAL A 64 -7.80 1.06 20.92
CA VAL A 64 -6.41 0.85 21.22
C VAL A 64 -6.10 -0.58 21.65
N PRO A 65 -6.79 -1.09 22.67
CA PRO A 65 -6.50 -2.48 23.06
C PRO A 65 -6.77 -3.43 21.94
N LEU A 66 -7.76 -3.15 21.11
CA LEU A 66 -8.03 -4.01 19.98
C LEU A 66 -6.86 -4.09 18.96
N LEU A 67 -6.27 -2.97 18.65
CA LEU A 67 -5.12 -2.92 17.71
C LEU A 67 -3.96 -3.64 18.40
N HIS A 68 -3.68 -3.29 19.65
CA HIS A 68 -2.62 -3.94 20.41
C HIS A 68 -2.84 -5.45 20.47
N ASN A 69 -4.06 -5.91 20.63
CA ASN A 69 -4.18 -7.34 20.91
C ASN A 69 -4.53 -8.19 19.73
N PHE A 70 -4.69 -7.55 18.57
CA PHE A 70 -5.18 -8.24 17.39
C PHE A 70 -4.38 -9.46 17.01
N HIS A 71 -3.05 -9.42 17.15
CA HIS A 71 -2.27 -10.59 16.81
C HIS A 71 -2.79 -11.80 17.66
N SER A 72 -3.29 -11.57 18.87
CA SER A 72 -3.75 -12.65 19.76
C SER A 72 -5.04 -13.28 19.32
N PHE A 73 -5.91 -12.47 18.72
CA PHE A 73 -7.25 -12.96 18.33
C PHE A 73 -7.13 -14.04 17.28
N LEU A 74 -6.03 -14.00 16.50
CA LEU A 74 -5.78 -15.04 15.51
C LEU A 74 -5.79 -16.46 16.12
N TYR A 75 -5.48 -16.55 17.42
CA TYR A 75 -5.38 -17.87 18.08
C TYR A 75 -6.63 -18.15 18.98
N GLN A 76 -7.63 -17.28 18.91
CA GLN A 76 -8.82 -17.40 19.72
C GLN A 76 -10.00 -17.78 18.81
N PRO A 77 -10.39 -19.07 18.83
CA PRO A 77 -11.31 -19.66 17.85
C PRO A 77 -12.66 -19.00 17.75
N ASP A 78 -13.11 -18.37 18.82
CA ASP A 78 -14.41 -17.71 18.77
C ASP A 78 -14.38 -16.16 18.66
N TRP A 79 -13.22 -15.51 18.67
CA TRP A 79 -13.20 -14.03 18.58
C TRP A 79 -13.85 -13.55 17.30
N ARG A 80 -14.77 -12.60 17.43
CA ARG A 80 -15.35 -11.91 16.28
C ARG A 80 -15.69 -10.51 16.75
N PHE A 81 -16.01 -9.61 15.83
CA PHE A 81 -16.31 -8.25 16.21
C PHE A 81 -17.50 -7.81 15.40
N MET A 82 -18.56 -7.41 16.11
CA MET A 82 -19.88 -7.09 15.53
C MET A 82 -20.22 -5.60 15.47
N GLU A 83 -19.44 -4.79 16.16
CA GLU A 83 -19.76 -3.38 16.35
C GLU A 83 -19.16 -2.43 15.30
N SER A 84 -18.93 -2.90 14.07
CA SER A 84 -18.28 -2.07 13.03
C SER A 84 -19.22 -1.62 11.91
N LYS A 85 -19.04 -0.38 11.47
CA LYS A 85 -19.91 0.16 10.44
C LYS A 85 -19.26 0.33 9.08
N GLU A 86 -18.06 -0.21 8.88
CA GLU A 86 -17.38 -0.10 7.58
C GLU A 86 -17.82 -1.09 6.50
N LYS A 87 -17.46 -0.75 5.27
CA LYS A 87 -17.75 -1.56 4.09
C LYS A 87 -17.33 -3.02 4.24
N ASP A 88 -16.12 -3.27 4.74
CA ASP A 88 -15.63 -4.64 4.81
C ASP A 88 -15.90 -5.37 6.13
N ARG A 89 -17.05 -5.08 6.77
CA ARG A 89 -17.31 -5.62 8.11
C ARG A 89 -17.48 -7.15 8.16
N GLN A 90 -17.78 -7.74 7.01
CA GLN A 90 -17.94 -9.19 6.89
C GLN A 90 -16.75 -9.94 7.42
N VAL A 91 -15.53 -9.49 7.09
CA VAL A 91 -14.30 -10.17 7.54
C VAL A 91 -14.20 -10.12 9.04
N LEU A 92 -14.66 -9.02 9.66
CA LEU A 92 -14.63 -8.93 11.12
C LEU A 92 -15.72 -9.77 11.75
N GLU A 93 -16.91 -9.75 11.15
CA GLU A 93 -18.10 -10.46 11.66
C GLU A 93 -17.91 -11.96 11.58
N ASP A 94 -17.35 -12.40 10.46
CA ASP A 94 -17.04 -13.80 10.27
C ASP A 94 -15.57 -14.16 10.51
N PHE A 95 -14.92 -13.39 11.37
CA PHE A 95 -13.53 -13.67 11.69
C PHE A 95 -13.18 -15.14 12.01
N PRO A 96 -14.02 -15.85 12.83
CA PRO A 96 -13.59 -17.23 13.18
C PRO A 96 -13.31 -18.13 11.98
N THR A 97 -13.95 -17.86 10.86
CA THR A 97 -13.76 -18.63 9.67
C THR A 97 -12.33 -18.38 9.16
N ILE A 98 -11.94 -17.10 9.17
CA ILE A 98 -10.63 -16.67 8.68
C ILE A 98 -9.57 -17.15 9.64
N SER A 99 -9.81 -16.96 10.93
CA SER A 99 -8.78 -17.42 11.89
C SER A 99 -8.63 -18.94 11.95
N LEU A 100 -9.71 -19.68 11.69
CA LEU A 100 -9.61 -21.13 11.57
C LEU A 100 -8.63 -21.54 10.47
N GLU A 101 -8.74 -20.89 9.33
CA GLU A 101 -7.85 -21.18 8.22
C GLU A 101 -6.46 -20.65 8.44
N PHE A 102 -6.29 -19.56 9.18
CA PHE A 102 -4.95 -19.15 9.62
C PHE A 102 -4.29 -20.27 10.39
N ARG A 103 -4.99 -20.77 11.37
CA ARG A 103 -4.43 -21.87 12.18
C ARG A 103 -4.14 -23.19 11.43
N ASN A 104 -4.69 -23.34 10.23
CA ASN A 104 -4.29 -24.43 9.35
C ASN A 104 -3.03 -24.24 8.54
N LEU A 105 -2.56 -22.99 8.40
CA LEU A 105 -1.31 -22.77 7.61
C LEU A 105 -0.15 -23.46 8.29
N ALA A 106 0.91 -23.80 7.56
CA ALA A 106 2.13 -24.27 8.20
C ALA A 106 2.57 -23.25 9.22
N GLU A 107 3.22 -23.71 10.27
CA GLU A 107 3.49 -22.89 11.40
C GLU A 107 4.38 -21.75 10.97
N LYS A 108 5.33 -22.00 10.05
CA LYS A 108 6.26 -20.94 9.58
C LYS A 108 5.55 -19.76 8.92
N TYR A 109 4.33 -19.96 8.43
CA TYR A 109 3.59 -18.85 7.83
C TYR A 109 2.74 -18.17 8.89
N GLN A 110 2.15 -18.96 9.80
CA GLN A 110 1.47 -18.38 10.93
C GLN A 110 2.29 -17.38 11.70
N THR A 111 3.57 -17.68 11.96
CA THR A 111 4.37 -16.89 12.89
C THR A 111 4.84 -15.58 12.20
N VAL A 112 5.02 -15.64 10.88
CA VAL A 112 5.23 -14.40 10.11
C VAL A 112 4.02 -13.48 10.25
N ILE A 113 2.83 -14.03 9.98
CA ILE A 113 1.65 -13.17 9.95
C ILE A 113 1.39 -12.61 11.33
N ALA A 114 1.57 -13.42 12.36
CA ALA A 114 1.30 -13.01 13.71
C ALA A 114 2.19 -11.85 14.15
N ASP A 115 3.49 -11.96 13.82
CA ASP A 115 4.49 -10.97 14.19
C ASP A 115 4.27 -9.59 13.51
N ILE A 116 3.89 -9.62 12.24
CA ILE A 116 3.56 -8.42 11.45
C ILE A 116 2.37 -7.74 12.03
N CYS A 117 1.30 -8.50 12.34
CA CYS A 117 0.14 -7.87 12.95
C CYS A 117 0.49 -7.31 14.33
N ARG A 118 1.36 -7.99 15.06
CA ARG A 118 1.69 -7.42 16.35
C ARG A 118 2.27 -6.01 16.12
N ARG A 119 3.19 -5.94 15.17
CA ARG A 119 3.99 -4.71 15.09
C ARG A 119 3.13 -3.64 14.42
N MET A 120 2.33 -4.03 13.43
CA MET A 120 1.40 -3.04 12.86
C MET A 120 0.43 -2.45 13.88
N GLY A 121 -0.16 -3.27 14.75
CA GLY A 121 -1.14 -2.75 15.69
C GLY A 121 -0.54 -1.74 16.64
N ILE A 122 0.64 -2.02 17.14
CA ILE A 122 1.31 -1.06 17.97
C ILE A 122 1.41 0.25 17.19
N GLY A 123 1.84 0.17 15.93
CA GLY A 123 2.09 1.37 15.16
C GLY A 123 0.83 2.14 14.82
N MET A 124 -0.21 1.42 14.47
CA MET A 124 -1.45 2.08 14.08
C MET A 124 -2.02 2.83 15.29
N ALA A 125 -1.91 2.23 16.49
CA ALA A 125 -2.40 2.85 17.72
C ALA A 125 -1.71 4.18 17.99
N GLU A 126 -0.40 4.21 17.76
CA GLU A 126 0.39 5.43 17.93
C GLU A 126 -0.17 6.58 17.07
N PHE A 127 -0.74 6.32 15.89
CA PHE A 127 -1.18 7.44 15.02
C PHE A 127 -2.66 7.71 15.08
N LEU A 128 -3.35 7.06 16.01
CA LEU A 128 -4.75 7.38 16.24
C LEU A 128 -4.82 8.85 16.64
N ASP A 129 -3.93 9.20 17.57
CA ASP A 129 -3.82 10.52 18.18
C ASP A 129 -3.53 11.59 17.14
N LYS A 130 -2.33 11.48 16.56
CA LYS A 130 -1.66 12.58 15.90
C LYS A 130 -1.85 12.67 14.39
N HIS A 131 -1.43 13.79 13.81
CA HIS A 131 -1.35 13.94 12.36
C HIS A 131 0.09 13.70 11.96
N VAL A 132 0.32 13.61 10.66
CA VAL A 132 1.66 13.42 10.19
C VAL A 132 2.26 14.79 10.10
N THR A 133 3.32 15.01 10.85
CA THR A 133 3.96 16.31 10.89
C THR A 133 5.11 16.38 9.92
N SER A 134 6.16 15.60 10.11
CA SER A 134 7.34 15.70 9.27
C SER A 134 7.38 14.64 8.18
N GLU A 135 8.30 14.81 7.21
CA GLU A 135 8.49 13.82 6.17
C GLU A 135 8.92 12.51 6.83
N GLN A 136 9.69 12.65 7.91
CA GLN A 136 10.21 11.48 8.61
C GLN A 136 9.07 10.76 9.28
N GLU A 137 8.15 11.47 9.88
CA GLU A 137 6.89 10.82 10.40
C GLU A 137 6.02 10.21 9.30
N TRP A 138 6.13 10.76 8.09
CA TRP A 138 5.28 10.26 7.02
C TRP A 138 5.75 8.84 6.71
N ASP A 139 7.05 8.64 6.71
CA ASP A 139 7.69 7.35 6.44
C ASP A 139 7.37 6.36 7.56
N LYS A 140 7.32 6.85 8.78
CA LYS A 140 7.03 5.95 9.93
C LYS A 140 5.56 5.46 9.82
N TYR A 141 4.65 6.39 9.55
CA TYR A 141 3.22 6.02 9.33
C TYR A 141 3.13 5.00 8.22
N CYS A 142 3.70 5.27 7.05
CA CYS A 142 3.69 4.28 5.97
C CYS A 142 4.36 2.95 6.27
N HIS A 143 5.37 2.95 7.15
CA HIS A 143 6.03 1.69 7.55
C HIS A 143 4.93 0.87 8.27
N TYR A 144 4.21 1.52 9.16
CA TYR A 144 3.28 0.74 10.02
C TYR A 144 2.14 0.18 9.18
N VAL A 145 1.65 0.93 8.19
CA VAL A 145 0.40 0.52 7.53
C VAL A 145 0.69 -0.19 6.23
N ALA A 146 1.93 -0.04 5.72
CA ALA A 146 2.25 -0.54 4.39
C ALA A 146 3.64 -1.16 4.31
N GLY A 147 4.66 -0.54 4.86
CA GLY A 147 6.02 -1.14 4.72
C GLY A 147 6.02 -2.48 5.43
N LEU A 148 5.38 -2.58 6.59
CA LEU A 148 5.32 -3.90 7.26
C LEU A 148 4.67 -4.99 6.44
N VAL A 149 3.72 -4.63 5.59
CA VAL A 149 3.08 -5.69 4.74
C VAL A 149 4.13 -6.11 3.68
N GLY A 150 4.82 -5.18 3.09
CA GLY A 150 5.92 -5.67 2.19
C GLY A 150 6.89 -6.64 2.85
N ILE A 151 7.19 -6.44 4.15
CA ILE A 151 8.18 -7.28 4.89
C ILE A 151 7.55 -8.60 5.18
N GLY A 152 6.28 -8.56 5.62
CA GLY A 152 5.68 -9.82 5.90
C GLY A 152 5.69 -10.63 4.64
N LEU A 153 5.18 -10.10 3.51
CA LEU A 153 5.10 -10.91 2.26
C LEU A 153 6.47 -11.40 1.85
N SER A 154 7.47 -10.54 2.01
CA SER A 154 8.79 -11.03 1.63
C SER A 154 9.20 -12.24 2.48
N ARG A 155 8.86 -12.25 3.75
CA ARG A 155 9.21 -13.41 4.57
C ARG A 155 8.42 -14.64 4.23
N LEU A 156 7.19 -14.51 3.77
CA LEU A 156 6.50 -15.72 3.30
C LEU A 156 7.19 -16.31 2.04
N PHE A 157 7.50 -15.44 1.10
CA PHE A 157 8.21 -15.89 -0.11
C PHE A 157 9.47 -16.71 0.23
N SER A 158 10.32 -16.21 1.15
CA SER A 158 11.55 -16.91 1.52
C SER A 158 11.27 -18.15 2.32
N ALA A 159 10.33 -18.07 3.27
CA ALA A 159 10.12 -19.20 4.18
C ALA A 159 9.54 -20.37 3.41
N SER A 160 8.90 -20.08 2.29
CA SER A 160 8.24 -21.11 1.50
C SER A 160 9.32 -21.73 0.61
N GLU A 161 10.47 -21.08 0.55
CA GLU A 161 11.57 -21.59 -0.23
C GLU A 161 11.44 -21.33 -1.72
N PHE A 162 10.44 -20.55 -2.13
CA PHE A 162 10.38 -20.12 -3.54
C PHE A 162 11.37 -19.04 -3.93
N GLU A 163 11.87 -18.27 -2.96
CA GLU A 163 12.80 -17.17 -3.23
C GLU A 163 13.98 -17.24 -2.29
N ASP A 164 15.06 -16.61 -2.66
CA ASP A 164 16.27 -16.64 -1.88
C ASP A 164 16.01 -15.98 -0.51
N PRO A 165 16.74 -16.40 0.58
CA PRO A 165 16.59 -15.77 1.91
C PRO A 165 16.82 -14.27 1.93
N LEU A 166 17.68 -13.76 1.08
CA LEU A 166 17.85 -12.30 1.01
C LEU A 166 16.48 -11.55 0.83
N VAL A 167 15.58 -12.14 0.08
CA VAL A 167 14.33 -11.42 -0.22
C VAL A 167 13.64 -11.20 1.13
N GLY A 168 13.67 -12.23 1.98
CA GLY A 168 13.03 -12.16 3.26
C GLY A 168 13.72 -11.22 4.25
N GLU A 169 15.04 -11.09 4.13
CA GLU A 169 15.78 -10.39 5.15
C GLU A 169 16.09 -8.93 4.85
N ASP A 170 16.11 -8.54 3.57
CA ASP A 170 16.47 -7.16 3.23
C ASP A 170 15.32 -6.22 3.49
N THR A 171 15.12 -5.83 4.75
CA THR A 171 13.86 -5.15 5.15
C THR A 171 13.79 -3.75 4.50
N GLU A 172 14.89 -3.15 4.07
CA GLU A 172 14.74 -1.79 3.56
C GLU A 172 14.06 -1.78 2.20
N ARG A 173 14.41 -2.76 1.37
CA ARG A 173 13.86 -2.87 0.01
C ARG A 173 12.39 -3.28 0.08
N ALA A 174 12.10 -4.24 0.95
CA ALA A 174 10.72 -4.66 1.18
C ALA A 174 9.82 -3.56 1.68
N ASN A 175 10.29 -2.84 2.67
CA ASN A 175 9.66 -1.63 3.15
C ASN A 175 9.40 -0.65 2.01
N SER A 176 10.35 -0.46 1.10
CA SER A 176 10.12 0.54 0.04
C SER A 176 8.99 0.09 -0.89
N MET A 177 8.86 -1.21 -1.13
CA MET A 177 7.71 -1.70 -1.94
C MET A 177 6.40 -1.17 -1.37
N GLY A 178 6.24 -1.21 -0.06
CA GLY A 178 4.97 -0.78 0.58
C GLY A 178 4.78 0.73 0.62
N LEU A 179 5.86 1.43 0.93
CA LEU A 179 5.86 2.89 0.99
C LEU A 179 5.59 3.53 -0.39
N PHE A 180 6.02 2.93 -1.49
CA PHE A 180 5.78 3.55 -2.77
C PHE A 180 4.27 3.43 -3.07
N LEU A 181 3.68 2.28 -2.74
CA LEU A 181 2.26 2.11 -3.03
C LEU A 181 1.44 3.01 -2.17
N GLN A 182 1.71 3.02 -0.89
CA GLN A 182 0.94 3.83 0.04
C GLN A 182 1.06 5.33 -0.18
N LYS A 183 2.29 5.84 -0.39
CA LYS A 183 2.41 7.23 -0.72
C LYS A 183 1.64 7.61 -2.04
N THR A 184 1.61 6.71 -3.01
CA THR A 184 0.91 6.97 -4.28
C THR A 184 -0.57 7.07 -3.96
N ASN A 185 -1.10 6.16 -3.13
CA ASN A 185 -2.55 6.27 -2.77
C ASN A 185 -2.84 7.54 -2.01
N ILE A 186 -2.04 7.83 -0.99
CA ILE A 186 -2.20 9.07 -0.25
C ILE A 186 -2.21 10.33 -1.17
N ILE A 187 -1.30 10.38 -2.14
CA ILE A 187 -1.16 11.56 -2.97
C ILE A 187 -2.41 11.66 -3.83
N ARG A 188 -2.84 10.55 -4.43
CA ARG A 188 -3.97 10.55 -5.34
C ARG A 188 -5.33 10.78 -4.63
N ASP A 189 -5.44 10.29 -3.39
CA ASP A 189 -6.68 10.40 -2.62
C ASP A 189 -6.89 11.69 -1.80
N TYR A 190 -6.12 12.72 -2.09
CA TYR A 190 -6.23 13.98 -1.34
C TYR A 190 -7.71 14.33 -1.06
N LEU A 191 -8.52 14.51 -2.11
CA LEU A 191 -9.87 15.10 -1.94
C LEU A 191 -10.83 14.18 -1.18
N GLU A 192 -10.87 12.93 -1.59
CA GLU A 192 -11.58 11.90 -0.86
C GLU A 192 -11.20 11.84 0.63
N ASP A 193 -9.93 11.89 0.96
CA ASP A 193 -9.57 11.92 2.36
C ASP A 193 -10.04 13.21 2.99
N GLN A 194 -9.79 14.33 2.31
CA GLN A 194 -10.25 15.66 2.76
C GLN A 194 -11.67 15.59 3.24
N GLN A 195 -12.54 15.17 2.33
CA GLN A 195 -13.99 15.09 2.55
C GLN A 195 -14.31 14.17 3.67
N GLY A 196 -13.49 13.14 3.81
CA GLY A 196 -13.73 12.15 4.85
C GLY A 196 -13.14 12.59 6.16
N GLY A 197 -12.56 13.78 6.18
CA GLY A 197 -12.00 14.29 7.41
C GLY A 197 -10.64 13.76 7.80
N ARG A 198 -9.97 13.08 6.87
CA ARG A 198 -8.63 12.51 7.14
C ARG A 198 -7.55 13.38 6.54
N GLU A 199 -6.42 13.48 7.22
CA GLU A 199 -5.32 14.26 6.73
C GLU A 199 -4.01 13.50 6.87
N PHE A 200 -3.43 13.14 5.73
CA PHE A 200 -2.19 12.36 5.66
C PHE A 200 -1.00 13.04 4.98
N TRP A 201 -1.19 14.18 4.33
CA TRP A 201 -0.06 14.88 3.73
C TRP A 201 0.71 15.50 4.88
N PRO A 202 2.04 15.41 4.82
CA PRO A 202 2.83 15.89 5.92
C PRO A 202 2.73 17.42 6.08
N GLN A 203 2.38 17.84 7.29
CA GLN A 203 2.30 19.25 7.61
C GLN A 203 3.55 20.00 7.27
N GLU A 204 4.69 19.40 7.52
CA GLU A 204 5.93 20.09 7.28
C GLU A 204 6.04 20.50 5.83
N VAL A 205 5.41 19.76 4.93
CA VAL A 205 5.45 20.11 3.52
C VAL A 205 4.31 21.05 3.18
N TRP A 206 3.07 20.68 3.48
CA TRP A 206 2.03 21.49 2.97
C TRP A 206 2.04 22.88 3.62
N SER A 207 2.58 22.97 4.82
CA SER A 207 2.49 24.21 5.59
C SER A 207 3.43 25.22 4.99
N ARG A 208 4.28 24.81 4.06
CA ARG A 208 5.07 25.80 3.38
C ARG A 208 4.22 26.59 2.36
N TYR A 209 3.00 26.10 2.09
CA TYR A 209 2.16 26.66 1.03
C TYR A 209 0.88 27.34 1.53
N VAL A 210 0.14 26.69 2.41
CA VAL A 210 -1.13 27.21 2.87
C VAL A 210 -1.23 27.10 4.36
N LYS A 211 -2.21 27.77 4.97
CA LYS A 211 -2.35 27.72 6.43
C LYS A 211 -3.05 26.46 6.87
N LYS A 212 -3.78 25.84 5.96
CA LYS A 212 -4.54 24.63 6.28
C LYS A 212 -4.61 23.72 5.07
N LEU A 213 -4.64 22.41 5.32
CA LEU A 213 -4.57 21.45 4.21
C LEU A 213 -5.76 21.62 3.29
N GLY A 214 -6.91 21.91 3.88
CA GLY A 214 -8.14 22.03 3.09
C GLY A 214 -8.09 23.22 2.15
N ASP A 215 -7.19 24.18 2.39
CA ASP A 215 -7.08 25.33 1.45
C ASP A 215 -6.80 24.95 0.00
N PHE A 216 -6.16 23.78 -0.22
CA PHE A 216 -5.82 23.31 -1.58
C PHE A 216 -7.06 23.05 -2.41
N ALA A 217 -8.20 22.89 -1.75
CA ALA A 217 -9.42 22.67 -2.51
C ALA A 217 -10.05 24.00 -2.96
N LYS A 218 -9.49 25.14 -2.55
CA LYS A 218 -10.04 26.42 -2.97
C LYS A 218 -9.41 26.88 -4.29
N PRO A 219 -10.25 27.37 -5.22
CA PRO A 219 -9.79 27.56 -6.57
C PRO A 219 -8.65 28.55 -6.64
N GLU A 220 -8.63 29.52 -5.74
CA GLU A 220 -7.54 30.50 -5.72
C GLU A 220 -6.17 29.92 -5.31
N ASN A 221 -6.18 28.69 -4.74
CA ASN A 221 -4.96 28.06 -4.26
C ASN A 221 -4.32 27.07 -5.22
N ILE A 222 -4.89 26.91 -6.41
CA ILE A 222 -4.54 25.76 -7.28
C ILE A 222 -3.07 25.78 -7.72
N ASP A 223 -2.49 26.96 -7.80
CA ASP A 223 -1.10 26.98 -8.24
C ASP A 223 -0.22 26.39 -7.12
N LEU A 224 -0.56 26.72 -5.87
CA LEU A 224 0.18 26.26 -4.71
C LEU A 224 -0.10 24.77 -4.45
N ALA A 225 -1.33 24.35 -4.69
CA ALA A 225 -1.70 22.98 -4.55
C ALA A 225 -0.85 22.09 -5.47
N VAL A 226 -0.71 22.49 -6.74
CA VAL A 226 0.00 21.69 -7.73
C VAL A 226 1.46 21.58 -7.36
N GLN A 227 2.02 22.69 -6.89
CA GLN A 227 3.38 22.73 -6.45
C GLN A 227 3.64 21.77 -5.26
N CYS A 228 2.77 21.79 -4.26
CA CYS A 228 2.92 20.87 -3.17
C CYS A 228 2.83 19.43 -3.66
N LEU A 229 1.84 19.17 -4.50
CA LEU A 229 1.64 17.85 -5.11
C LEU A 229 2.92 17.33 -5.79
N ASN A 230 3.50 18.19 -6.60
CA ASN A 230 4.69 17.82 -7.38
C ASN A 230 5.84 17.51 -6.43
N GLU A 231 5.85 18.21 -5.31
CA GLU A 231 6.86 17.99 -4.31
C GLU A 231 6.70 16.63 -3.62
N LEU A 232 5.45 16.26 -3.30
CA LEU A 232 5.23 14.96 -2.66
C LEU A 232 5.46 13.83 -3.70
N ILE A 233 5.07 14.06 -4.96
CA ILE A 233 5.28 13.05 -5.97
C ILE A 233 6.81 12.81 -6.07
N THR A 234 7.60 13.88 -5.98
CA THR A 234 9.06 13.79 -6.09
C THR A 234 9.59 12.98 -4.92
N ASN A 235 8.96 13.13 -3.76
CA ASN A 235 9.33 12.33 -2.59
C ASN A 235 9.13 10.84 -2.90
N ALA A 236 7.96 10.46 -3.40
CA ALA A 236 7.65 9.06 -3.66
C ALA A 236 8.60 8.46 -4.69
N LEU A 237 8.99 9.23 -5.69
CA LEU A 237 9.88 8.68 -6.71
C LEU A 237 11.18 8.14 -6.15
N HIS A 238 11.62 8.61 -4.97
CA HIS A 238 12.89 8.19 -4.41
C HIS A 238 12.93 6.70 -4.06
N HIS A 239 11.75 6.07 -3.97
CA HIS A 239 11.72 4.64 -3.63
C HIS A 239 11.92 3.74 -4.84
N ILE A 240 11.94 4.30 -6.04
CA ILE A 240 11.91 3.45 -7.24
C ILE A 240 13.18 2.60 -7.40
N PRO A 241 14.37 3.19 -7.11
CA PRO A 241 15.54 2.31 -7.18
C PRO A 241 15.41 1.05 -6.30
N ASP A 242 14.85 1.14 -5.09
CA ASP A 242 14.70 -0.04 -4.24
C ASP A 242 13.69 -0.97 -4.88
N VAL A 243 12.65 -0.39 -5.45
CA VAL A 243 11.63 -1.22 -6.13
C VAL A 243 12.28 -2.02 -7.25
N ILE A 244 13.09 -1.35 -8.07
CA ILE A 244 13.74 -2.11 -9.14
C ILE A 244 14.68 -3.17 -8.55
N THR A 245 15.44 -2.85 -7.52
CA THR A 245 16.28 -3.88 -6.91
C THR A 245 15.47 -5.07 -6.37
N TYR A 246 14.37 -4.77 -5.71
CA TYR A 246 13.56 -5.82 -5.14
C TYR A 246 13.05 -6.77 -6.23
N LEU A 247 12.48 -6.23 -7.30
CA LEU A 247 11.84 -7.04 -8.32
C LEU A 247 12.92 -7.82 -9.03
N SER A 248 14.11 -7.25 -9.13
CA SER A 248 15.15 -7.93 -9.90
C SER A 248 15.71 -9.20 -9.23
N ARG A 249 15.44 -9.39 -7.95
CA ARG A 249 15.95 -10.53 -7.24
C ARG A 249 15.03 -11.70 -7.34
N LEU A 250 13.80 -11.50 -7.79
CA LEU A 250 12.79 -12.51 -7.67
C LEU A 250 13.03 -13.59 -8.75
N ARG A 251 12.67 -14.85 -8.47
CA ARG A 251 12.82 -15.89 -9.51
C ARG A 251 11.57 -16.68 -9.80
N ASN A 252 10.60 -16.68 -8.89
CA ASN A 252 9.38 -17.40 -9.16
C ASN A 252 8.52 -16.47 -9.98
N GLN A 253 8.10 -16.98 -11.14
CA GLN A 253 7.27 -16.20 -12.06
C GLN A 253 6.01 -15.65 -11.44
N SER A 254 5.32 -16.49 -10.70
CA SER A 254 4.02 -16.08 -10.15
C SER A 254 4.18 -15.00 -9.06
N VAL A 255 5.25 -15.12 -8.27
CA VAL A 255 5.56 -14.13 -7.23
C VAL A 255 5.98 -12.87 -7.89
N PHE A 256 6.75 -12.99 -8.97
CA PHE A 256 7.12 -11.79 -9.75
C PHE A 256 5.88 -11.07 -10.23
N ASN A 257 4.97 -11.78 -10.90
CA ASN A 257 3.83 -11.02 -11.42
C ASN A 257 3.11 -10.39 -10.25
N PHE A 258 3.03 -11.13 -9.15
CA PHE A 258 2.30 -10.64 -7.96
C PHE A 258 2.89 -9.31 -7.47
N CYS A 259 4.22 -9.23 -7.39
CA CYS A 259 4.81 -8.02 -6.87
C CYS A 259 4.86 -6.90 -7.93
N ALA A 260 4.97 -7.26 -9.21
CA ALA A 260 5.37 -6.23 -10.21
C ALA A 260 4.13 -5.44 -10.56
N ILE A 261 3.00 -6.11 -10.55
CA ILE A 261 1.81 -5.45 -11.09
C ILE A 261 1.33 -4.21 -10.30
N PRO A 262 1.15 -4.34 -8.94
CA PRO A 262 0.75 -3.13 -8.22
C PRO A 262 1.77 -2.02 -8.44
N GLN A 263 3.03 -2.38 -8.62
CA GLN A 263 4.04 -1.35 -8.73
C GLN A 263 3.99 -0.55 -10.06
N VAL A 264 3.76 -1.24 -11.18
CA VAL A 264 3.58 -0.52 -12.45
C VAL A 264 2.30 0.29 -12.49
N MET A 265 1.20 -0.19 -11.86
CA MET A 265 0.00 0.62 -11.77
C MET A 265 0.24 1.94 -11.05
N ALA A 266 1.06 1.89 -9.99
CA ALA A 266 1.30 3.13 -9.23
C ALA A 266 2.27 4.04 -9.96
N ILE A 267 3.20 3.49 -10.67
CA ILE A 267 3.97 4.36 -11.56
C ILE A 267 3.07 5.10 -12.55
N ALA A 268 2.17 4.39 -13.19
CA ALA A 268 1.26 5.00 -14.15
C ALA A 268 0.40 6.04 -13.47
N THR A 269 -0.13 5.71 -12.27
CA THR A 269 -0.88 6.67 -11.45
C THR A 269 -0.06 7.92 -11.13
N LEU A 270 1.20 7.79 -10.70
CA LEU A 270 1.97 9.02 -10.38
C LEU A 270 2.14 9.89 -11.58
N ALA A 271 2.40 9.27 -12.72
CA ALA A 271 2.55 9.97 -14.00
C ALA A 271 1.30 10.66 -14.40
N ALA A 272 0.13 10.05 -14.14
CA ALA A 272 -1.11 10.75 -14.45
C ALA A 272 -1.34 11.96 -13.52
N CYS A 273 -0.83 11.89 -12.28
CA CYS A 273 -1.10 12.88 -11.27
C CYS A 273 -0.16 14.05 -11.38
N TYR A 274 1.02 13.80 -11.93
CA TYR A 274 2.10 14.76 -11.88
C TYR A 274 1.68 16.09 -12.56
N ASN A 275 1.89 17.25 -11.92
CA ASN A 275 1.45 18.55 -12.44
C ASN A 275 -0.01 18.63 -12.87
N ASN A 276 -0.89 17.86 -12.22
CA ASN A 276 -2.26 17.69 -12.69
C ASN A 276 -3.24 18.33 -11.73
N GLN A 277 -3.85 19.44 -12.16
CA GLN A 277 -4.81 20.14 -11.34
C GLN A 277 -6.00 19.26 -10.97
N GLN A 278 -6.26 18.22 -11.73
CA GLN A 278 -7.45 17.42 -11.47
C GLN A 278 -7.45 16.72 -10.12
N VAL A 279 -6.27 16.50 -9.54
CA VAL A 279 -6.17 15.84 -8.22
C VAL A 279 -7.00 16.59 -7.18
N PHE A 280 -7.04 17.92 -7.32
CA PHE A 280 -7.69 18.77 -6.33
C PHE A 280 -9.15 19.01 -6.68
N LYS A 281 -9.65 18.35 -7.73
CA LYS A 281 -11.04 18.47 -8.20
C LYS A 281 -11.75 17.10 -8.21
N GLY A 282 -11.00 16.01 -8.14
CA GLY A 282 -11.63 14.74 -8.01
C GLY A 282 -10.59 13.67 -8.04
N ALA A 283 -11.04 12.49 -8.50
CA ALA A 283 -10.28 11.28 -8.42
C ALA A 283 -9.65 10.97 -9.78
N VAL A 284 -8.33 11.13 -9.86
CA VAL A 284 -7.58 10.77 -11.04
C VAL A 284 -7.39 9.25 -10.99
N LYS A 285 -7.97 8.54 -11.95
CA LYS A 285 -7.73 7.10 -12.09
C LYS A 285 -7.16 6.78 -13.47
N ILE A 286 -6.54 5.64 -13.60
CA ILE A 286 -6.07 5.24 -14.89
C ILE A 286 -7.15 4.40 -15.54
N ARG A 287 -7.25 4.52 -16.88
CA ARG A 287 -8.23 3.83 -17.71
C ARG A 287 -8.10 2.35 -17.55
N LYS A 288 -9.23 1.65 -17.67
CA LYS A 288 -9.28 0.23 -17.49
C LYS A 288 -8.40 -0.47 -18.55
N GLY A 289 -8.48 -0.03 -19.82
CA GLY A 289 -7.66 -0.60 -20.90
C GLY A 289 -6.16 -0.43 -20.69
N GLN A 290 -5.78 0.73 -20.18
CA GLN A 290 -4.43 0.95 -19.75
C GLN A 290 -4.03 -0.01 -18.64
N ALA A 291 -4.83 -0.12 -17.59
CA ALA A 291 -4.52 -1.03 -16.49
C ALA A 291 -4.40 -2.52 -16.89
N VAL A 292 -5.34 -3.00 -17.72
CA VAL A 292 -5.29 -4.38 -18.24
C VAL A 292 -3.98 -4.69 -18.98
N THR A 293 -3.52 -3.77 -19.84
CA THR A 293 -2.28 -3.94 -20.60
C THR A 293 -1.06 -3.92 -19.70
N LEU A 294 -1.05 -3.01 -18.74
CA LEU A 294 -0.03 -3.03 -17.71
C LEU A 294 0.04 -4.42 -17.05
N MET A 295 -1.10 -4.95 -16.65
CA MET A 295 -1.13 -6.28 -16.02
C MET A 295 -0.58 -7.37 -16.90
N MET A 296 -0.90 -7.30 -18.20
CA MET A 296 -0.48 -8.35 -19.11
C MET A 296 1.00 -8.30 -19.40
N ASP A 297 1.58 -7.10 -19.41
CA ASP A 297 2.94 -6.89 -19.87
C ASP A 297 3.98 -6.94 -18.74
N ALA A 298 3.53 -6.72 -17.52
CA ALA A 298 4.45 -6.67 -16.38
C ALA A 298 4.85 -8.06 -15.86
N THR A 299 5.57 -8.84 -16.68
CA THR A 299 5.88 -10.21 -16.32
C THR A 299 7.35 -10.58 -16.41
N ASN A 300 8.24 -9.64 -16.66
CA ASN A 300 9.67 -9.98 -16.66
C ASN A 300 10.40 -8.70 -16.44
N MET A 301 11.59 -8.73 -15.88
CA MET A 301 12.29 -7.47 -15.58
C MET A 301 12.49 -6.48 -16.76
N PRO A 302 13.00 -6.96 -17.92
CA PRO A 302 13.16 -5.99 -19.02
C PRO A 302 11.87 -5.28 -19.38
N ALA A 303 10.75 -5.98 -19.45
CA ALA A 303 9.48 -5.29 -19.72
C ALA A 303 9.16 -4.26 -18.63
N VAL A 304 9.23 -4.70 -17.35
CA VAL A 304 8.86 -3.82 -16.25
C VAL A 304 9.82 -2.64 -16.31
N LYS A 305 11.09 -2.88 -16.57
CA LYS A 305 12.01 -1.73 -16.63
C LYS A 305 11.70 -0.76 -17.78
N ALA A 306 11.26 -1.27 -18.93
CA ALA A 306 10.91 -0.40 -20.08
C ALA A 306 9.71 0.44 -19.73
N ILE A 307 8.74 -0.14 -19.02
CA ILE A 307 7.55 0.62 -18.58
C ILE A 307 7.91 1.77 -17.64
N ILE A 308 8.72 1.45 -16.65
CA ILE A 308 9.16 2.43 -15.70
C ILE A 308 9.79 3.56 -16.47
N TYR A 309 10.76 3.25 -17.33
CA TYR A 309 11.48 4.27 -18.08
C TYR A 309 10.56 5.15 -18.93
N GLN A 310 9.60 4.55 -19.62
CA GLN A 310 8.65 5.32 -20.45
C GLN A 310 7.87 6.33 -19.63
N TYR A 311 7.42 5.90 -18.45
CA TYR A 311 6.57 6.80 -17.70
C TYR A 311 7.40 7.89 -17.07
N MET A 312 8.65 7.59 -16.70
CA MET A 312 9.53 8.60 -16.13
C MET A 312 9.91 9.65 -17.17
N GLU A 313 10.08 9.24 -18.42
CA GLU A 313 10.43 10.16 -19.52
C GLU A 313 9.26 11.13 -19.69
N GLU A 314 8.05 10.57 -19.60
CA GLU A 314 6.85 11.33 -19.70
C GLU A 314 6.80 12.39 -18.61
N ILE A 315 7.15 12.03 -17.39
CA ILE A 315 7.11 13.03 -16.31
C ILE A 315 8.21 14.05 -16.58
N TYR A 316 9.35 13.56 -17.02
CA TYR A 316 10.51 14.40 -17.30
C TYR A 316 10.17 15.52 -18.26
N HIS A 317 9.54 15.21 -19.36
CA HIS A 317 9.23 16.24 -20.31
C HIS A 317 8.14 17.22 -19.88
N ARG A 318 7.38 16.84 -18.86
CA ARG A 318 6.32 17.72 -18.30
C ARG A 318 6.78 18.61 -17.16
N ILE A 319 8.04 18.51 -16.75
CA ILE A 319 8.52 19.28 -15.59
C ILE A 319 8.61 20.75 -15.94
N PRO A 320 7.80 21.61 -15.28
CA PRO A 320 7.98 23.06 -15.50
C PRO A 320 9.15 23.64 -14.72
N ASP A 321 9.87 24.57 -15.35
CA ASP A 321 11.06 25.22 -14.75
C ASP A 321 10.74 26.12 -13.61
N SER A 322 9.52 26.64 -13.57
CA SER A 322 9.13 27.47 -12.45
C SER A 322 8.78 26.66 -11.21
N ASP A 323 8.62 25.34 -11.35
CA ASP A 323 8.26 24.52 -10.19
C ASP A 323 9.38 24.43 -9.12
N PRO A 324 9.08 24.71 -7.84
CA PRO A 324 10.14 24.70 -6.82
C PRO A 324 10.87 23.36 -6.64
N SER A 325 10.29 22.25 -7.09
CA SER A 325 10.97 20.96 -6.93
C SER A 325 11.69 20.52 -8.21
N SER A 326 11.65 21.35 -9.25
CA SER A 326 11.98 20.87 -10.60
C SER A 326 13.34 20.18 -10.74
N SER A 327 14.40 20.77 -10.22
CA SER A 327 15.69 20.10 -10.32
C SER A 327 15.84 18.87 -9.43
N LYS A 328 15.13 18.82 -8.30
CA LYS A 328 15.05 17.58 -7.52
C LYS A 328 14.36 16.49 -8.33
N THR A 329 13.25 16.86 -9.00
CA THR A 329 12.51 15.93 -9.85
C THR A 329 13.39 15.42 -10.96
N ARG A 330 14.07 16.34 -11.64
CA ARG A 330 14.96 15.97 -12.73
C ARG A 330 16.04 15.03 -12.22
N GLN A 331 16.52 15.34 -11.02
CA GLN A 331 17.61 14.56 -10.46
C GLN A 331 17.20 13.12 -10.17
N ILE A 332 16.09 12.91 -9.48
CA ILE A 332 15.77 11.55 -9.15
C ILE A 332 15.43 10.74 -10.40
N ILE A 333 14.74 11.36 -11.35
CA ILE A 333 14.47 10.69 -12.64
C ILE A 333 15.77 10.30 -13.37
N SER A 334 16.79 11.17 -13.35
CA SER A 334 18.09 10.80 -13.94
C SER A 334 18.70 9.56 -13.27
N THR A 335 18.67 9.51 -11.95
CA THR A 335 19.14 8.36 -11.17
C THR A 335 18.41 7.11 -11.62
N ILE A 336 17.09 7.17 -11.56
CA ILE A 336 16.31 6.00 -11.91
C ILE A 336 16.81 5.52 -13.26
N ARG A 337 17.03 6.45 -14.19
CA ARG A 337 17.35 6.07 -15.57
C ARG A 337 18.72 5.42 -15.78
N THR A 338 19.59 5.45 -14.77
CA THR A 338 20.94 4.87 -14.92
C THR A 338 21.34 3.93 -13.78
#